data_6OJC
#
_entry.id   6OJC
#
_cell.length_a   114.730
_cell.length_b   114.730
_cell.length_c   46.601
_cell.angle_alpha   90.00
_cell.angle_beta   90.00
_cell.angle_gamma   120.00
#
_symmetry.space_group_name_H-M   'P 3 2 1'
#
loop_
_entity.id
_entity.type
_entity.pdbx_description
1 polymer NocB
2 non-polymer 'SULFATE ION'
3 non-polymer GLYCEROL
4 water water
#
_entity_poly.entity_id   1
_entity_poly.type   'polypeptide(L)'
_entity_poly.pdbx_seq_one_letter_code
;MGSSHHHHHHSSGLVPRGSHMVEGSGSAYVHTLNPEATGGALVLVHPGEGLALPYHGLAPLLPDVRLHVLSDPRFGQSDN
RFATLAEMATRYVEWVRTTEPEGPYRLGGWSFGGVVALEMASQMTAHGDEVSDLLLVDSHNLNAAPRTGDPREGVRQRLV
ELGVDPDSPEGVDVVEELLHNGALAAQYAPPAYRGRVSLLVTPTDGDRDAVRARGWDRALLPDLVVEPVPGAHERLFDEE
HLSDTADAIRRALGGER
;
_entity_poly.pdbx_strand_id   A
#
loop_
_chem_comp.id
_chem_comp.type
_chem_comp.name
_chem_comp.formula
GOL non-polymer GLYCEROL 'C3 H8 O3'
SO4 non-polymer 'SULFATE ION' 'O4 S -2'
#
# COMPACT_ATOMS: atom_id res chain seq x y z
N SER A 27 4.66 -11.28 14.50
CA SER A 27 3.31 -11.72 14.84
C SER A 27 2.59 -12.40 13.68
N ALA A 28 1.33 -12.76 13.92
CA ALA A 28 0.45 -13.37 12.93
C ALA A 28 0.01 -12.43 11.83
N TYR A 29 0.34 -11.14 11.93
CA TYR A 29 -0.08 -10.19 10.94
C TYR A 29 1.09 -9.76 10.08
N VAL A 30 2.28 -10.22 10.38
CA VAL A 30 3.48 -9.95 9.60
C VAL A 30 3.85 -11.27 8.96
N HIS A 31 3.89 -11.32 7.63
CA HIS A 31 4.32 -12.53 6.95
C HIS A 31 5.48 -12.21 6.02
N THR A 32 6.53 -13.02 6.03
CA THR A 32 7.75 -12.71 5.27
C THR A 32 7.88 -13.72 4.15
N LEU A 33 7.91 -13.21 2.89
CA LEU A 33 8.05 -14.00 1.68
C LEU A 33 9.46 -13.82 1.13
N ASN A 34 9.94 -14.85 0.41
CA ASN A 34 11.33 -14.96 -0.02
C ASN A 34 12.31 -14.68 1.13
N PRO A 35 12.18 -15.41 2.25
CA PRO A 35 12.99 -15.08 3.44
C PRO A 35 14.52 -15.18 3.26
N GLU A 36 15.03 -15.95 2.31
CA GLU A 36 16.45 -16.03 2.08
C GLU A 36 16.97 -15.09 1.01
N ALA A 37 16.12 -14.24 0.47
CA ALA A 37 16.55 -13.30 -0.57
C ALA A 37 17.59 -12.33 -0.02
N THR A 38 18.51 -11.95 -0.89
CA THR A 38 19.62 -11.08 -0.50
C THR A 38 19.72 -9.78 -1.31
N GLY A 39 18.69 -9.41 -2.06
CA GLY A 39 18.78 -8.24 -2.90
C GLY A 39 18.21 -7.00 -2.27
N GLY A 40 17.61 -7.14 -1.11
CA GLY A 40 17.02 -6.02 -0.45
C GLY A 40 15.70 -6.51 0.11
N ALA A 41 15.00 -5.66 0.85
CA ALA A 41 13.70 -6.00 1.40
C ALA A 41 12.69 -4.94 0.97
N LEU A 42 11.41 -5.30 1.05
CA LEU A 42 10.33 -4.40 0.67
C LEU A 42 9.19 -4.75 1.63
N VAL A 43 8.66 -3.74 2.33
CA VAL A 43 7.51 -3.90 3.21
C VAL A 43 6.29 -3.44 2.47
N LEU A 44 5.28 -4.29 2.40
CA LEU A 44 4.02 -3.95 1.72
C LEU A 44 2.85 -3.97 2.71
N VAL A 45 2.14 -2.85 2.78
CA VAL A 45 0.98 -2.68 3.66
C VAL A 45 -0.27 -3.11 2.89
N HIS A 46 -1.12 -3.85 3.54
CA HIS A 46 -2.42 -4.26 3.00
C HIS A 46 -3.23 -3.14 2.37
N PRO A 47 -4.00 -3.43 1.35
CA PRO A 47 -4.97 -2.46 0.82
C PRO A 47 -6.16 -2.33 1.76
N GLY A 48 -7.18 -1.64 1.30
CA GLY A 48 -8.29 -1.28 2.17
C GLY A 48 -9.07 -2.47 2.67
N GLU A 49 -8.94 -3.60 2.00
CA GLU A 49 -9.64 -4.80 2.48
C GLU A 49 -8.97 -5.41 3.68
N GLY A 50 -7.75 -5.01 4.00
CA GLY A 50 -7.17 -5.37 5.27
C GLY A 50 -6.27 -6.58 5.30
N LEU A 51 -6.17 -7.34 4.21
CA LEU A 51 -5.41 -8.58 4.22
C LEU A 51 -4.27 -8.45 3.24
N ALA A 52 -3.11 -8.89 3.61
CA ALA A 52 -2.01 -8.74 2.65
C ALA A 52 -1.95 -9.89 1.63
N LEU A 53 -2.94 -10.79 1.62
CA LEU A 53 -2.86 -11.94 0.74
C LEU A 53 -2.70 -11.64 -0.76
N PRO A 54 -3.32 -10.61 -1.34
CA PRO A 54 -3.06 -10.31 -2.75
C PRO A 54 -1.59 -10.23 -3.10
N TYR A 55 -0.73 -9.84 -2.15
CA TYR A 55 0.67 -9.66 -2.47
C TYR A 55 1.45 -10.98 -2.54
N HIS A 56 0.85 -12.10 -2.13
CA HIS A 56 1.65 -13.33 -2.03
C HIS A 56 2.16 -13.76 -3.40
N GLY A 57 1.32 -13.59 -4.43
CA GLY A 57 1.70 -13.89 -5.79
C GLY A 57 2.84 -13.06 -6.33
N LEU A 58 3.19 -11.95 -5.68
CA LEU A 58 4.36 -11.24 -6.13
C LEU A 58 5.64 -12.01 -5.87
N ALA A 59 5.66 -12.82 -4.81
CA ALA A 59 6.94 -13.36 -4.33
C ALA A 59 7.70 -14.08 -5.44
N PRO A 60 7.12 -15.03 -6.17
CA PRO A 60 7.91 -15.72 -7.19
C PRO A 60 8.34 -14.79 -8.27
N LEU A 61 7.69 -13.65 -8.41
CA LEU A 61 7.98 -12.69 -9.47
C LEU A 61 9.00 -11.64 -9.05
N LEU A 62 9.27 -11.56 -7.75
CA LEU A 62 10.30 -10.70 -7.18
C LEU A 62 11.25 -11.53 -6.32
N PRO A 63 11.90 -12.53 -6.93
CA PRO A 63 12.64 -13.52 -6.16
C PRO A 63 13.89 -12.97 -5.52
N ASP A 64 14.31 -11.76 -5.85
CA ASP A 64 15.48 -11.22 -5.18
C ASP A 64 15.11 -10.27 -4.07
N VAL A 65 13.84 -10.20 -3.68
CA VAL A 65 13.37 -9.25 -2.67
C VAL A 65 12.70 -10.02 -1.51
N ARG A 66 13.20 -9.77 -0.29
CA ARG A 66 12.52 -10.21 0.92
C ARG A 66 11.28 -9.34 1.07
N LEU A 67 10.10 -9.95 1.05
CA LEU A 67 8.84 -9.23 1.08
C LEU A 67 8.19 -9.40 2.44
N HIS A 68 8.05 -8.33 3.19
CA HIS A 68 7.38 -8.38 4.50
C HIS A 68 6.00 -7.75 4.32
N VAL A 69 4.95 -8.55 4.37
CA VAL A 69 3.60 -8.09 4.05
C VAL A 69 2.77 -8.00 5.33
N LEU A 70 2.15 -6.85 5.52
CA LEU A 70 1.49 -6.53 6.76
C LEU A 70 -0.04 -6.51 6.60
N SER A 71 -0.70 -7.20 7.48
CA SER A 71 -2.15 -7.28 7.54
C SER A 71 -2.67 -6.48 8.72
N ASP A 72 -3.94 -6.12 8.69
CA ASP A 72 -4.52 -5.26 9.75
C ASP A 72 -4.77 -6.11 10.99
N PRO A 73 -4.08 -5.86 12.11
CA PRO A 73 -4.36 -6.66 13.30
C PRO A 73 -5.74 -6.38 13.89
N ARG A 74 -6.44 -5.32 13.49
CA ARG A 74 -7.76 -5.12 14.06
C ARG A 74 -8.86 -5.66 13.18
N PHE A 75 -8.50 -6.41 12.14
CA PHE A 75 -9.46 -6.82 11.12
C PHE A 75 -10.73 -7.41 11.73
N GLY A 76 -10.59 -8.32 12.67
CA GLY A 76 -11.89 -8.89 13.05
C GLY A 76 -12.68 -8.16 14.12
N GLN A 77 -12.24 -6.98 14.51
CA GLN A 77 -12.67 -6.34 15.74
C GLN A 77 -13.53 -5.11 15.43
N SER A 78 -14.83 -5.30 15.50
CA SER A 78 -15.73 -4.16 15.40
C SER A 78 -15.40 -3.11 16.46
N ASP A 79 -14.98 -3.53 17.65
CA ASP A 79 -14.39 -2.61 18.61
C ASP A 79 -12.86 -2.55 18.43
N ASN A 80 -12.26 -1.47 18.91
CA ASN A 80 -10.80 -1.42 18.97
C ASN A 80 -10.17 -1.19 17.59
N ARG A 81 -10.89 -0.53 16.69
CA ARG A 81 -10.28 -0.05 15.48
C ARG A 81 -9.23 1.04 15.74
N PHE A 82 -8.27 1.15 14.86
CA PHE A 82 -7.34 2.27 14.91
C PHE A 82 -8.12 3.58 14.78
N ALA A 83 -7.77 4.55 15.62
CA ALA A 83 -8.47 5.85 15.65
C ALA A 83 -8.15 6.67 14.41
N THR A 84 -6.92 6.57 13.91
CA THR A 84 -6.45 7.42 12.82
C THR A 84 -5.50 6.63 11.96
N LEU A 85 -5.27 7.09 10.74
CA LEU A 85 -4.30 6.42 9.89
C LEU A 85 -2.93 6.55 10.53
N ALA A 86 -2.69 7.69 11.21
CA ALA A 86 -1.39 7.89 11.84
C ALA A 86 -1.09 6.79 12.87
N GLU A 87 -2.08 6.47 13.70
CA GLU A 87 -1.95 5.45 14.74
C GLU A 87 -1.68 4.08 14.14
N MET A 88 -2.40 3.75 13.05
CA MET A 88 -2.07 2.53 12.32
C MET A 88 -0.62 2.52 11.83
N ALA A 89 -0.23 3.58 11.14
CA ALA A 89 1.14 3.65 10.68
C ALA A 89 2.13 3.48 11.82
N THR A 90 1.95 4.18 12.93
CA THR A 90 2.87 4.08 14.07
C THR A 90 3.02 2.64 14.55
N ARG A 91 1.90 1.88 14.57
CA ARG A 91 2.00 0.48 14.98
C ARG A 91 2.75 -0.36 13.94
N TYR A 92 2.56 -0.05 12.65
CA TYR A 92 3.24 -0.83 11.61
C TYR A 92 4.74 -0.54 11.62
N VAL A 93 5.11 0.71 11.88
CA VAL A 93 6.54 1.01 12.01
C VAL A 93 7.15 0.09 13.03
N GLU A 94 6.49 -0.06 14.17
CA GLU A 94 7.06 -0.93 15.19
C GLU A 94 7.39 -2.30 14.63
N TRP A 95 6.40 -2.88 13.92
CA TRP A 95 6.62 -4.20 13.33
C TRP A 95 7.80 -4.20 12.37
N VAL A 96 7.90 -3.14 11.55
CA VAL A 96 8.97 -3.06 10.56
C VAL A 96 10.32 -3.09 11.26
N ARG A 97 10.46 -2.26 12.30
CA ARG A 97 11.73 -2.22 13.02
C ARG A 97 12.05 -3.55 13.67
N THR A 98 11.04 -4.27 14.15
CA THR A 98 11.28 -5.59 14.72
C THR A 98 11.71 -6.61 13.67
N THR A 99 11.24 -6.46 12.45
CA THR A 99 11.55 -7.43 11.42
C THR A 99 12.83 -7.11 10.69
N GLU A 100 13.14 -5.83 10.56
CA GLU A 100 14.33 -5.37 9.86
C GLU A 100 14.91 -4.29 10.77
N PRO A 101 15.72 -4.67 11.76
CA PRO A 101 16.25 -3.69 12.73
C PRO A 101 17.18 -2.64 12.13
N GLU A 102 17.70 -2.89 10.93
CA GLU A 102 18.63 -1.99 10.25
C GLU A 102 18.06 -1.61 8.88
N GLY A 103 18.18 -0.32 8.56
CA GLY A 103 17.79 0.17 7.27
C GLY A 103 18.90 0.00 6.25
N PRO A 104 18.75 0.66 5.09
CA PRO A 104 17.62 1.53 4.72
C PRO A 104 16.34 0.75 4.39
N TYR A 105 15.22 1.42 4.43
CA TYR A 105 13.92 0.76 4.35
C TYR A 105 13.28 1.05 3.01
N ARG A 106 12.49 0.10 2.52
CA ARG A 106 11.73 0.31 1.30
C ARG A 106 10.33 -0.11 1.65
N LEU A 107 9.37 0.78 1.45
CA LEU A 107 7.99 0.59 1.93
C LEU A 107 7.06 0.83 0.78
N GLY A 108 5.85 0.29 0.84
CA GLY A 108 4.92 0.56 -0.24
C GLY A 108 3.58 -0.08 0.08
N GLY A 109 2.66 0.07 -0.86
CA GLY A 109 1.38 -0.65 -0.74
C GLY A 109 0.48 -0.30 -1.91
N TRP A 110 -0.57 -1.11 -2.09
CA TRP A 110 -1.54 -0.93 -3.16
C TRP A 110 -2.67 -0.04 -2.61
N SER A 111 -3.00 1.01 -3.33
CA SER A 111 -4.04 1.93 -2.95
C SER A 111 -3.93 2.41 -1.49
N PHE A 112 -4.94 2.12 -0.64
CA PHE A 112 -4.84 2.53 0.79
C PHE A 112 -3.50 2.18 1.44
N GLY A 113 -2.95 1.00 1.12
CA GLY A 113 -1.71 0.57 1.75
C GLY A 113 -0.55 1.50 1.42
N GLY A 114 -0.55 2.08 0.22
CA GLY A 114 0.46 3.02 -0.18
C GLY A 114 0.36 4.30 0.63
N VAL A 115 -0.89 4.72 0.95
CA VAL A 115 -1.06 5.89 1.79
C VAL A 115 -0.49 5.64 3.19
N VAL A 116 -0.80 4.46 3.77
CA VAL A 116 -0.24 4.13 5.09
C VAL A 116 1.30 4.07 5.02
N ALA A 117 1.82 3.51 3.92
CA ALA A 117 3.27 3.40 3.78
C ALA A 117 3.90 4.79 3.72
N LEU A 118 3.21 5.74 3.07
CA LEU A 118 3.72 7.11 3.08
C LEU A 118 3.82 7.67 4.51
N GLU A 119 2.74 7.52 5.27
CA GLU A 119 2.79 8.05 6.62
C GLU A 119 3.83 7.33 7.46
N MET A 120 4.03 6.01 7.19
CA MET A 120 5.12 5.30 7.86
C MET A 120 6.47 5.91 7.51
N ALA A 121 6.67 6.14 6.19
CA ALA A 121 7.94 6.74 5.78
C ALA A 121 8.14 8.10 6.37
N SER A 122 7.08 8.89 6.44
CA SER A 122 7.12 10.21 7.06
C SER A 122 7.58 10.12 8.53
N GLN A 123 7.01 9.16 9.28
CA GLN A 123 7.40 9.00 10.67
C GLN A 123 8.82 8.45 10.81
N MET A 124 9.16 7.43 10.02
CA MET A 124 10.51 6.86 10.16
C MET A 124 11.60 7.86 9.85
N THR A 125 11.41 8.65 8.79
CA THR A 125 12.43 9.62 8.43
C THR A 125 12.51 10.72 9.49
N ALA A 126 11.36 11.09 10.08
CA ALA A 126 11.42 12.07 11.14
C ALA A 126 12.16 11.53 12.37
N HIS A 127 12.35 10.21 12.47
CA HIS A 127 13.08 9.65 13.58
C HIS A 127 14.41 9.05 13.16
N GLY A 128 14.91 9.51 12.04
CA GLY A 128 16.31 9.31 11.73
C GLY A 128 16.58 8.12 10.85
N ASP A 129 15.54 7.45 10.35
CA ASP A 129 15.75 6.30 9.48
C ASP A 129 15.89 6.77 8.03
N GLU A 130 16.59 5.99 7.25
CA GLU A 130 16.69 6.18 5.80
C GLU A 130 15.61 5.34 5.13
N VAL A 131 14.73 5.98 4.35
CA VAL A 131 13.72 5.25 3.57
C VAL A 131 14.11 5.51 2.12
N SER A 132 14.80 4.56 1.50
CA SER A 132 15.32 4.78 0.15
C SER A 132 14.25 4.68 -0.93
N ASP A 133 13.12 4.02 -0.69
CA ASP A 133 12.10 3.89 -1.71
C ASP A 133 10.73 3.85 -1.01
N LEU A 134 9.75 4.49 -1.63
CA LEU A 134 8.35 4.47 -1.17
C LEU A 134 7.50 4.23 -2.41
N LEU A 135 6.72 3.16 -2.41
CA LEU A 135 6.06 2.67 -3.61
C LEU A 135 4.58 2.83 -3.38
N LEU A 136 3.96 3.75 -4.07
CA LEU A 136 2.51 3.94 -4.01
C LEU A 136 1.89 3.30 -5.27
N VAL A 137 1.27 2.15 -5.10
CA VAL A 137 0.79 1.41 -6.27
C VAL A 137 -0.64 1.90 -6.52
N ASP A 138 -0.76 2.86 -7.44
CA ASP A 138 -2.03 3.45 -7.81
C ASP A 138 -2.81 3.96 -6.60
N SER A 139 -2.12 4.56 -5.63
CA SER A 139 -2.78 5.16 -4.48
C SER A 139 -3.38 6.54 -4.82
N HIS A 140 -4.47 6.89 -4.12
CA HIS A 140 -5.04 8.23 -4.17
CA HIS A 140 -5.07 8.23 -4.17
C HIS A 140 -5.07 8.87 -2.78
N ASN A 141 -5.12 10.21 -2.76
CA ASN A 141 -5.22 10.98 -1.54
C ASN A 141 -6.65 11.48 -1.40
N LEU A 142 -7.49 10.68 -0.71
CA LEU A 142 -8.92 10.98 -0.64
C LEU A 142 -9.22 12.27 0.12
N ASN A 143 -8.38 12.66 1.04
CA ASN A 143 -8.63 13.93 1.72
C ASN A 143 -8.61 15.11 0.77
N ALA A 144 -7.94 14.99 -0.37
CA ALA A 144 -7.90 16.06 -1.34
C ALA A 144 -8.94 15.77 -2.43
N ALA A 145 -8.73 14.69 -3.16
CA ALA A 145 -9.62 14.27 -4.25
C ALA A 145 -10.36 12.99 -3.84
N PRO A 146 -11.47 13.11 -3.06
CA PRO A 146 -12.39 12.03 -2.69
C PRO A 146 -13.03 11.30 -3.88
N GLY A 154 -19.31 1.21 -3.77
CA GLY A 154 -18.44 0.22 -4.40
C GLY A 154 -17.80 -0.74 -3.39
N VAL A 155 -18.09 -0.51 -2.10
CA VAL A 155 -17.70 -1.38 -0.99
C VAL A 155 -18.10 -2.81 -1.33
N ARG A 156 -19.41 -3.07 -1.39
CA ARG A 156 -19.85 -4.43 -1.75
C ARG A 156 -19.39 -4.82 -3.15
N GLN A 157 -19.49 -3.88 -4.12
CA GLN A 157 -19.24 -4.21 -5.52
C GLN A 157 -17.81 -4.72 -5.73
N ARG A 158 -16.87 -4.27 -4.87
CA ARG A 158 -15.46 -4.71 -4.99
C ARG A 158 -15.35 -6.20 -4.70
N LEU A 159 -16.06 -6.67 -3.66
CA LEU A 159 -16.09 -8.10 -3.36
C LEU A 159 -16.74 -8.87 -4.49
N VAL A 160 -17.96 -8.44 -4.89
CA VAL A 160 -18.57 -9.12 -6.01
C VAL A 160 -17.55 -9.25 -7.13
N GLU A 161 -16.73 -8.19 -7.38
CA GLU A 161 -15.76 -8.25 -8.48
C GLU A 161 -14.63 -9.25 -8.17
N LEU A 162 -14.25 -9.39 -6.89
CA LEU A 162 -13.36 -10.44 -6.40
C LEU A 162 -13.99 -11.84 -6.35
N GLY A 163 -15.29 -11.99 -6.58
CA GLY A 163 -15.90 -13.30 -6.46
C GLY A 163 -16.29 -13.76 -5.07
N VAL A 164 -16.35 -12.87 -4.08
CA VAL A 164 -16.79 -13.19 -2.72
C VAL A 164 -18.22 -12.69 -2.51
N ASP A 165 -18.96 -13.43 -1.71
CA ASP A 165 -20.31 -13.01 -1.39
C ASP A 165 -20.20 -11.93 -0.32
N PRO A 166 -20.53 -10.69 -0.61
CA PRO A 166 -20.52 -9.69 0.49
C PRO A 166 -21.30 -10.13 1.71
N ASP A 167 -22.31 -10.99 1.58
CA ASP A 167 -23.05 -11.39 2.77
C ASP A 167 -22.54 -12.66 3.44
N SER A 168 -21.55 -13.34 2.89
CA SER A 168 -20.91 -14.47 3.56
C SER A 168 -20.15 -14.01 4.81
N PRO A 169 -19.66 -14.95 5.63
CA PRO A 169 -18.90 -14.53 6.82
C PRO A 169 -17.65 -13.72 6.47
N GLU A 170 -16.92 -14.11 5.41
CA GLU A 170 -15.81 -13.29 4.96
C GLU A 170 -16.31 -11.93 4.48
N GLY A 171 -17.51 -11.92 3.88
CA GLY A 171 -17.90 -10.78 3.07
C GLY A 171 -18.12 -9.56 3.92
N VAL A 172 -18.90 -9.73 4.99
CA VAL A 172 -19.28 -8.68 5.92
C VAL A 172 -18.06 -8.07 6.58
N ASP A 173 -17.14 -8.91 7.06
CA ASP A 173 -15.92 -8.37 7.68
C ASP A 173 -15.14 -7.52 6.70
N VAL A 174 -15.08 -7.98 5.44
CA VAL A 174 -14.27 -7.22 4.54
C VAL A 174 -14.92 -5.87 4.27
N VAL A 175 -16.23 -5.85 4.04
CA VAL A 175 -16.84 -4.55 3.75
C VAL A 175 -16.65 -3.62 4.95
N GLU A 176 -16.80 -4.16 6.17
CA GLU A 176 -16.63 -3.34 7.37
C GLU A 176 -15.20 -2.77 7.42
N GLU A 177 -14.23 -3.65 7.27
CA GLU A 177 -12.84 -3.22 7.22
C GLU A 177 -12.64 -2.12 6.17
N LEU A 178 -13.14 -2.35 4.97
CA LEU A 178 -13.01 -1.39 3.89
C LEU A 178 -13.58 -0.03 4.25
N LEU A 179 -14.76 0.01 4.86
CA LEU A 179 -15.33 1.34 5.00
C LEU A 179 -14.57 2.11 6.07
N HIS A 180 -14.21 1.45 7.16
CA HIS A 180 -13.35 2.08 8.13
C HIS A 180 -12.02 2.59 7.53
N ASN A 181 -11.28 1.73 6.82
CA ASN A 181 -10.03 2.23 6.27
C ASN A 181 -10.29 3.38 5.33
N GLY A 182 -11.41 3.38 4.60
CA GLY A 182 -11.67 4.53 3.74
C GLY A 182 -11.94 5.79 4.56
N ALA A 183 -12.48 5.61 5.75
CA ALA A 183 -12.73 6.75 6.64
C ALA A 183 -11.39 7.26 7.23
N LEU A 184 -10.49 6.35 7.53
CA LEU A 184 -9.15 6.72 8.01
C LEU A 184 -8.46 7.54 6.97
N ALA A 185 -8.52 7.08 5.72
CA ALA A 185 -7.87 7.81 4.62
C ALA A 185 -8.52 9.20 4.38
N ALA A 186 -9.82 9.28 4.48
CA ALA A 186 -10.50 10.56 4.19
C ALA A 186 -10.14 11.65 5.21
N GLN A 187 -9.83 11.25 6.45
CA GLN A 187 -9.50 12.16 7.53
C GLN A 187 -8.00 12.51 7.55
N TYR A 188 -7.20 11.81 6.76
CA TYR A 188 -5.75 11.96 6.74
C TYR A 188 -5.32 12.84 5.58
N ALA A 189 -4.44 13.79 5.86
CA ALA A 189 -3.80 14.54 4.80
C ALA A 189 -2.31 14.17 4.70
N PRO A 190 -1.82 13.81 3.52
CA PRO A 190 -0.42 13.37 3.45
C PRO A 190 0.49 14.57 3.58
N PRO A 191 1.54 14.47 4.37
CA PRO A 191 2.43 15.62 4.52
C PRO A 191 3.42 15.70 3.37
N ALA A 192 3.94 16.91 3.20
CA ALA A 192 5.16 17.08 2.41
C ALA A 192 6.18 16.01 2.82
N TYR A 193 6.77 15.34 1.82
CA TYR A 193 7.74 14.28 2.05
C TYR A 193 8.83 14.38 0.99
N ARG A 194 10.09 14.46 1.42
CA ARG A 194 11.15 14.80 0.48
C ARG A 194 11.86 13.59 -0.10
N GLY A 195 11.70 12.43 0.48
CA GLY A 195 12.36 11.26 -0.04
C GLY A 195 11.82 10.82 -1.40
N ARG A 196 12.47 9.81 -1.96
CA ARG A 196 12.06 9.25 -3.25
C ARG A 196 10.72 8.52 -3.13
N VAL A 197 9.74 8.89 -3.97
CA VAL A 197 8.41 8.30 -4.00
C VAL A 197 8.12 7.83 -5.43
N SER A 198 7.74 6.59 -5.59
CA SER A 198 7.32 6.09 -6.90
C SER A 198 5.81 5.95 -6.83
N LEU A 199 5.09 6.64 -7.71
CA LEU A 199 3.65 6.50 -7.85
C LEU A 199 3.36 5.73 -9.14
N LEU A 200 2.87 4.51 -9.01
CA LEU A 200 2.55 3.69 -10.17
C LEU A 200 1.10 4.00 -10.51
N VAL A 201 0.82 4.41 -11.74
CA VAL A 201 -0.53 4.85 -12.12
C VAL A 201 -1.08 3.98 -13.23
N THR A 202 -2.30 3.50 -13.03
CA THR A 202 -3.10 2.98 -14.11
C THR A 202 -3.64 4.08 -15.03
N PRO A 203 -4.19 3.70 -16.20
CA PRO A 203 -4.72 4.69 -17.14
C PRO A 203 -5.79 5.57 -16.55
N THR A 204 -5.71 6.86 -16.90
CA THR A 204 -6.47 7.91 -16.25
C THR A 204 -7.56 8.37 -17.19
N ASP A 205 -8.80 8.33 -16.71
CA ASP A 205 -9.95 8.64 -17.57
C ASP A 205 -9.73 9.95 -18.32
N GLY A 206 -9.89 9.91 -19.65
CA GLY A 206 -9.59 11.04 -20.51
C GLY A 206 -8.12 11.43 -20.64
N ASP A 207 -7.20 10.58 -20.21
CA ASP A 207 -5.77 10.90 -20.14
C ASP A 207 -5.50 12.29 -19.55
N ARG A 208 -6.07 12.54 -18.37
CA ARG A 208 -5.71 13.77 -17.65
C ARG A 208 -4.50 13.51 -16.75
N ASP A 209 -3.94 14.61 -16.20
CA ASP A 209 -2.76 14.56 -15.32
C ASP A 209 -2.94 13.56 -14.20
N ALA A 210 -2.11 12.53 -14.17
CA ALA A 210 -2.35 11.40 -13.32
C ALA A 210 -2.03 11.69 -11.86
N VAL A 211 -1.27 12.74 -11.59
CA VAL A 211 -0.89 13.04 -10.21
C VAL A 211 -1.97 13.86 -9.51
N ARG A 212 -2.47 14.90 -10.18
CA ARG A 212 -3.59 15.67 -9.63
C ARG A 212 -4.88 14.85 -9.60
N ALA A 213 -5.12 14.02 -10.63
CA ALA A 213 -6.31 13.19 -10.63
C ALA A 213 -6.42 12.29 -9.41
N ARG A 214 -5.29 11.95 -8.77
CA ARG A 214 -5.30 11.11 -7.59
C ARG A 214 -5.13 11.91 -6.30
N GLY A 215 -5.15 13.25 -6.39
CA GLY A 215 -5.14 14.10 -5.21
C GLY A 215 -3.77 14.42 -4.66
N TRP A 216 -2.72 14.14 -5.41
CA TRP A 216 -1.38 14.41 -4.91
C TRP A 216 -0.90 15.73 -5.47
N ASP A 217 0.04 16.33 -4.76
CA ASP A 217 0.56 17.65 -5.03
C ASP A 217 2.08 17.52 -5.20
N ARG A 218 2.56 17.76 -6.41
CA ARG A 218 3.98 17.57 -6.66
C ARG A 218 4.83 18.54 -5.84
N ALA A 219 4.26 19.67 -5.44
CA ALA A 219 4.97 20.57 -4.52
C ALA A 219 5.29 19.93 -3.15
N LEU A 220 4.55 18.89 -2.76
CA LEU A 220 4.80 18.19 -1.51
C LEU A 220 5.69 16.98 -1.71
N LEU A 221 5.85 16.53 -2.96
CA LEU A 221 6.61 15.33 -3.27
C LEU A 221 7.69 15.67 -4.27
N PRO A 222 8.69 16.48 -3.87
CA PRO A 222 9.69 16.94 -4.84
C PRO A 222 10.42 15.83 -5.58
N ASP A 223 10.60 14.67 -4.95
CA ASP A 223 11.34 13.54 -5.53
C ASP A 223 10.38 12.42 -5.95
N LEU A 224 9.20 12.82 -6.42
CA LEU A 224 8.24 11.90 -7.02
C LEU A 224 8.69 11.47 -8.42
N VAL A 225 8.51 10.19 -8.69
CA VAL A 225 8.70 9.57 -10.00
C VAL A 225 7.41 8.86 -10.35
N VAL A 226 6.86 9.14 -11.52
CA VAL A 226 5.55 8.59 -11.91
C VAL A 226 5.80 7.50 -12.93
N GLU A 227 5.23 6.33 -12.70
CA GLU A 227 5.51 5.12 -13.48
C GLU A 227 4.18 4.54 -13.91
N PRO A 228 4.03 4.07 -15.14
CA PRO A 228 2.78 3.43 -15.55
C PRO A 228 2.66 1.97 -15.11
N VAL A 229 1.45 1.55 -14.74
CA VAL A 229 1.13 0.13 -14.60
C VAL A 229 -0.20 -0.12 -15.32
N PRO A 230 -0.32 -1.17 -16.11
CA PRO A 230 -1.54 -1.35 -16.92
C PRO A 230 -2.70 -1.92 -16.11
N GLY A 231 -3.89 -1.88 -16.73
CA GLY A 231 -5.08 -2.47 -16.18
C GLY A 231 -5.87 -1.53 -15.30
N ALA A 232 -6.81 -2.12 -14.56
CA ALA A 232 -7.77 -1.39 -13.74
C ALA A 232 -7.32 -1.38 -12.31
N HIS A 233 -7.56 -0.27 -11.62
CA HIS A 233 -7.13 -0.08 -10.23
C HIS A 233 -7.43 -1.32 -9.37
N GLU A 234 -8.65 -1.87 -9.48
CA GLU A 234 -9.06 -2.96 -8.57
C GLU A 234 -8.51 -4.31 -9.02
N ARG A 235 -8.04 -4.40 -10.25
CA ARG A 235 -7.59 -5.66 -10.81
C ARG A 235 -6.09 -5.86 -10.78
N LEU A 236 -5.33 -5.01 -10.08
CA LEU A 236 -3.88 -5.00 -10.30
C LEU A 236 -3.18 -6.26 -9.81
N PHE A 237 -3.78 -6.98 -8.86
CA PHE A 237 -3.16 -8.17 -8.31
C PHE A 237 -3.90 -9.46 -8.65
N ASP A 238 -4.79 -9.40 -9.61
CA ASP A 238 -5.44 -10.66 -9.96
C ASP A 238 -4.55 -11.40 -10.96
N GLU A 239 -4.92 -12.65 -11.22
CA GLU A 239 -4.07 -13.58 -11.96
C GLU A 239 -3.54 -13.02 -13.28
N GLU A 240 -4.40 -12.33 -14.04
CA GLU A 240 -4.00 -11.86 -15.37
C GLU A 240 -2.95 -10.76 -15.29
N HIS A 241 -3.07 -9.90 -14.28
CA HIS A 241 -2.36 -8.64 -14.17
C HIS A 241 -1.05 -8.75 -13.41
N LEU A 242 -0.90 -9.82 -12.62
CA LEU A 242 0.15 -9.85 -11.61
C LEU A 242 1.53 -9.67 -12.22
N SER A 243 1.75 -10.27 -13.37
CA SER A 243 3.07 -10.21 -13.99
C SER A 243 3.40 -8.80 -14.46
N ASP A 244 2.42 -8.08 -15.03
CA ASP A 244 2.67 -6.69 -15.41
C ASP A 244 2.82 -5.80 -14.19
N THR A 245 2.00 -6.00 -13.16
CA THR A 245 2.16 -5.22 -11.91
C THR A 245 3.54 -5.47 -11.25
N ALA A 246 3.97 -6.74 -11.19
CA ALA A 246 5.30 -7.07 -10.68
C ALA A 246 6.41 -6.45 -11.51
N ASP A 247 6.25 -6.43 -12.84
CA ASP A 247 7.21 -5.73 -13.70
C ASP A 247 7.34 -4.26 -13.32
N ALA A 248 6.21 -3.57 -13.13
CA ALA A 248 6.25 -2.16 -12.77
C ALA A 248 6.87 -1.93 -11.39
N ILE A 249 6.62 -2.83 -10.43
CA ILE A 249 7.29 -2.74 -9.13
C ILE A 249 8.78 -2.95 -9.23
N ARG A 250 9.20 -3.97 -10.01
CA ARG A 250 10.63 -4.21 -10.19
C ARG A 250 11.30 -2.99 -10.80
N ARG A 251 10.68 -2.38 -11.81
CA ARG A 251 11.26 -1.21 -12.44
C ARG A 251 11.32 -0.03 -11.48
N ALA A 252 10.27 0.16 -10.66
CA ALA A 252 10.28 1.24 -9.67
C ALA A 252 11.41 1.09 -8.65
N LEU A 253 11.68 -0.13 -8.20
CA LEU A 253 12.73 -0.31 -7.21
C LEU A 253 14.13 -0.16 -7.80
N GLY A 254 14.29 -0.39 -9.11
CA GLY A 254 15.64 -0.40 -9.69
C GLY A 254 16.14 0.93 -10.16
N GLY A 255 15.44 2.02 -9.85
CA GLY A 255 15.88 3.37 -10.18
C GLY A 255 17.31 3.59 -10.65
S SO4 B . 12.11 -3.64 -18.49
O1 SO4 B . 10.98 -4.31 -19.08
O2 SO4 B . 11.89 -3.45 -17.05
O3 SO4 B . 12.29 -2.34 -19.14
O4 SO4 B . 13.32 -4.45 -18.69
S SO4 C . -2.12 -4.89 18.08
O1 SO4 C . -1.22 -5.92 17.60
O2 SO4 C . -3.52 -5.15 17.69
O3 SO4 C . -2.13 -4.85 19.56
O4 SO4 C . -1.75 -3.57 17.60
S SO4 D . -8.35 -4.72 -17.38
O1 SO4 D . -8.75 -6.09 -17.73
O2 SO4 D . -9.48 -3.81 -17.50
O3 SO4 D . -7.90 -4.68 -15.98
O4 SO4 D . -7.29 -4.31 -18.31
S SO4 E . 16.44 4.06 -6.09
O1 SO4 E . 15.16 3.44 -6.52
O2 SO4 E . 17.27 4.40 -7.26
O3 SO4 E . 16.17 5.24 -5.28
O4 SO4 E . 17.23 3.19 -5.21
S SO4 F . 7.06 -15.35 9.07
O1 SO4 F . 8.02 -16.39 8.71
O2 SO4 F . 5.74 -15.70 8.54
O3 SO4 F . 7.47 -14.10 8.44
O4 SO4 F . 7.05 -15.19 10.53
S SO4 G . -5.57 18.20 -15.86
O1 SO4 G . -5.11 17.07 -16.67
O2 SO4 G . -7.03 18.33 -16.01
O3 SO4 G . -4.94 19.46 -16.31
O4 SO4 G . -5.23 17.99 -14.45
C1 GOL H . -9.27 1.04 -2.91
O1 GOL H . -9.70 2.45 -2.86
C2 GOL H . -9.00 0.39 -1.45
O2 GOL H . -7.69 -0.01 -1.14
C3 GOL H . -9.24 1.50 -0.57
O3 GOL H . -8.25 2.28 -1.09
H11 GOL H . -9.94 0.48 -3.34
H12 GOL H . -8.47 0.92 -3.43
HO1 GOL H . -9.22 2.86 -3.44
H2 GOL H . -9.56 -0.39 -1.40
HO2 GOL H . -7.36 -0.39 -1.83
H31 GOL H . -10.14 1.85 -0.65
H32 GOL H . -9.14 1.25 0.37
#